data_4EIN
#
_entry.id   4EIN
#
_cell.length_a   160.023
_cell.length_b   87.956
_cell.length_c   68.668
_cell.angle_alpha   90.00
_cell.angle_beta   96.44
_cell.angle_gamma   90.00
#
_symmetry.space_group_name_H-M   'C 1 2 1'
#
loop_
_entity.id
_entity.type
_entity.pdbx_description
1 polymer 'Thymidylate synthase'
2 non-polymer "2'-deoxy-N-hydroxycytidine 5'-(dihydrogen phosphate)"
3 non-polymer GLYCEROL
4 water water
#
_entity_poly.entity_id   1
_entity_poly.type   'polypeptide(L)'
_entity_poly.pdbx_seq_one_letter_code
;MLVVGSELQSDAQQLSAEAPRHGELQYLRQVEHILRCGFKKEDRTGTGTLSVFGMQARYSLRDEFPLLTTKRVFWKGVLE
ELLWFIKGSTNAKELSSKGVRIWDANGSRDFLDSLGFSARQEGDLGPVYGFQWRHFGAEYKDMDSDYSGQGVDQLQKVID
TIKTNPDDRRIIMCAWNPKDLPLMALPPCHALCQFYVVNGELSCQLYQRSGDMGLGVPFNIASYALLTYMIAHITGLQPG
DFVHTLGDAHIYLNHIEPLKIQLQREPRPFPKLKILRKVETIDDFKVEDFQIEGYNPHPTIKMEMAV
;
_entity_poly.pdbx_strand_id   A,B
#
# COMPACT_ATOMS: atom_id res chain seq x y z
N ARG A 21 6.69 17.42 -18.92
CA ARG A 21 6.55 18.56 -17.99
C ARG A 21 5.12 18.72 -17.41
N HIS A 22 4.10 18.83 -18.26
CA HIS A 22 2.70 18.78 -17.81
C HIS A 22 2.46 17.48 -17.08
N GLY A 23 1.90 17.50 -15.87
CA GLY A 23 1.73 16.21 -15.14
C GLY A 23 0.80 15.14 -15.71
N GLU A 24 -0.15 15.57 -16.53
CA GLU A 24 -1.03 14.62 -17.25
C GLU A 24 -0.22 13.74 -18.18
N LEU A 25 0.97 14.20 -18.63
CA LEU A 25 1.76 13.34 -19.49
C LEU A 25 2.12 11.97 -18.85
N GLN A 26 2.22 11.94 -17.55
CA GLN A 26 2.50 10.68 -16.89
C GLN A 26 1.37 9.66 -17.05
N TYR A 27 0.11 10.13 -16.95
CA TYR A 27 -1.03 9.31 -17.10
C TYR A 27 -1.09 8.76 -18.56
N LEU A 28 -0.81 9.64 -19.50
CA LEU A 28 -0.91 9.24 -20.87
C LEU A 28 0.20 8.24 -21.19
N ARG A 29 1.38 8.50 -20.61
CA ARG A 29 2.53 7.57 -20.75
C ARG A 29 2.22 6.20 -20.10
N GLN A 30 1.47 6.17 -18.96
CA GLN A 30 1.01 4.89 -18.42
C GLN A 30 0.08 4.13 -19.33
N VAL A 31 -0.85 4.88 -19.94
CA VAL A 31 -1.83 4.28 -20.81
C VAL A 31 -1.05 3.71 -22.06
N GLU A 32 -0.16 4.51 -22.61
CA GLU A 32 0.69 4.12 -23.79
C GLU A 32 1.46 2.84 -23.43
N HIS A 33 2.00 2.79 -22.20
CA HIS A 33 2.74 1.61 -21.75
C HIS A 33 1.91 0.35 -21.65
N ILE A 34 0.68 0.45 -21.16
CA ILE A 34 -0.14 -0.68 -21.03
C ILE A 34 -0.53 -1.14 -22.47
N LEU A 35 -0.76 -0.19 -23.36
CA LEU A 35 -1.22 -0.54 -24.75
C LEU A 35 -0.12 -1.29 -25.50
N ARG A 36 1.11 -0.91 -25.23
CA ARG A 36 2.30 -1.41 -25.92
C ARG A 36 2.88 -2.67 -25.25
N CYS A 37 2.90 -2.72 -23.90
CA CYS A 37 3.61 -3.76 -23.11
C CYS A 37 2.75 -4.61 -22.16
N GLY A 38 1.49 -4.21 -21.98
CA GLY A 38 0.61 -4.93 -21.11
C GLY A 38 0.37 -6.30 -21.69
N PHE A 39 -0.07 -7.19 -20.82
CA PHE A 39 -0.43 -8.55 -21.17
C PHE A 39 -1.93 -8.69 -21.13
N LYS A 40 -2.47 -9.48 -22.05
CA LYS A 40 -3.86 -9.80 -21.95
C LYS A 40 -4.14 -10.61 -20.69
N LYS A 41 -5.15 -10.15 -19.96
CA LYS A 41 -5.44 -10.74 -18.71
C LYS A 41 -6.93 -10.72 -18.58
N GLU A 42 -7.49 -11.91 -18.48
CA GLU A 42 -8.90 -12.10 -18.20
C GLU A 42 -9.23 -11.49 -16.84
N ASP A 43 -10.48 -11.17 -16.62
CA ASP A 43 -10.87 -10.58 -15.37
C ASP A 43 -12.25 -11.02 -14.92
N ARG A 44 -12.56 -10.63 -13.69
CA ARG A 44 -13.74 -11.06 -12.97
C ARG A 44 -15.04 -10.95 -13.76
N THR A 45 -15.25 -9.88 -14.52
CA THR A 45 -16.46 -9.91 -15.31
C THR A 45 -16.24 -11.01 -16.33
N GLY A 46 -15.36 -10.66 -17.27
CA GLY A 46 -15.13 -11.43 -18.44
C GLY A 46 -14.99 -10.57 -19.66
N THR A 47 -14.73 -9.27 -19.53
CA THR A 47 -14.52 -8.49 -20.75
C THR A 47 -13.05 -8.52 -21.20
N GLY A 48 -12.13 -8.93 -20.35
CA GLY A 48 -10.75 -8.96 -20.79
C GLY A 48 -10.14 -7.57 -20.73
N THR A 49 -8.89 -7.53 -20.29
CA THR A 49 -8.08 -6.36 -20.25
C THR A 49 -6.68 -6.55 -20.81
N LEU A 50 -5.99 -5.43 -21.04
CA LEU A 50 -4.58 -5.44 -21.11
C LEU A 50 -4.13 -4.89 -19.73
N SER A 51 -3.11 -5.50 -19.17
CA SER A 51 -2.73 -5.24 -17.75
C SER A 51 -1.23 -5.15 -17.52
N VAL A 52 -0.77 -4.31 -16.55
CA VAL A 52 0.61 -4.26 -16.12
C VAL A 52 0.47 -4.19 -14.60
N PHE A 53 1.31 -4.86 -13.89
CA PHE A 53 1.28 -4.87 -12.42
C PHE A 53 2.44 -4.02 -11.90
N GLY A 54 2.07 -2.96 -11.20
CA GLY A 54 3.02 -2.09 -10.55
C GLY A 54 3.33 -0.88 -11.38
N MET A 55 2.69 0.23 -11.12
CA MET A 55 3.04 1.52 -11.72
C MET A 55 3.03 2.65 -10.65
N GLN A 56 3.67 3.80 -10.95
CA GLN A 56 3.70 4.89 -10.02
C GLN A 56 3.81 6.17 -10.85
N ALA A 57 3.04 7.16 -10.46
CA ALA A 57 3.05 8.52 -11.03
C ALA A 57 3.05 9.51 -9.92
N ARG A 58 3.61 10.72 -10.15
CA ARG A 58 3.62 11.78 -9.17
C ARG A 58 3.03 13.02 -9.75
N TYR A 59 1.95 13.45 -9.16
CA TYR A 59 1.22 14.67 -9.58
C TYR A 59 1.42 15.79 -8.61
N SER A 60 2.08 16.86 -9.05
CA SER A 60 2.24 18.04 -8.22
C SER A 60 0.89 18.66 -7.94
N LEU A 61 0.78 19.12 -6.73
CA LEU A 61 -0.41 19.80 -6.26
C LEU A 61 -0.11 21.28 -6.02
N ARG A 62 1.08 21.72 -6.40
CA ARG A 62 1.55 23.07 -6.06
C ARG A 62 1.02 24.09 -7.10
N ASP A 63 0.09 24.93 -6.65
CA ASP A 63 -0.55 25.92 -7.50
C ASP A 63 -1.28 25.39 -8.72
N GLU A 64 -1.61 24.08 -8.72
CA GLU A 64 -2.51 23.57 -9.69
C GLU A 64 -3.16 22.30 -9.11
N PHE A 65 -4.17 21.88 -9.78
CA PHE A 65 -4.95 20.70 -9.39
C PHE A 65 -5.02 19.74 -10.53
N PRO A 66 -4.65 18.45 -10.30
CA PRO A 66 -4.59 17.47 -11.38
C PRO A 66 -5.93 16.83 -11.80
N LEU A 67 -6.81 17.60 -12.44
CA LEU A 67 -8.08 17.21 -12.94
C LEU A 67 -7.80 17.09 -14.42
N LEU A 68 -7.80 15.84 -14.90
CA LEU A 68 -7.34 15.55 -16.28
C LEU A 68 -8.16 16.30 -17.34
N THR A 69 -7.40 16.78 -18.33
CA THR A 69 -7.96 17.59 -19.42
C THR A 69 -8.12 16.88 -20.78
N THR A 70 -7.52 15.70 -21.01
CA THR A 70 -7.67 15.03 -22.29
C THR A 70 -9.02 14.32 -22.34
N LYS A 71 -9.71 14.23 -21.19
CA LYS A 71 -11.09 13.86 -21.22
C LYS A 71 -11.66 14.39 -19.92
N ARG A 72 -12.89 14.88 -20.00
CA ARG A 72 -13.56 15.42 -18.83
C ARG A 72 -13.69 14.41 -17.68
N VAL A 73 -13.40 14.89 -16.46
CA VAL A 73 -13.61 14.12 -15.24
C VAL A 73 -14.85 14.68 -14.52
N PHE A 74 -15.60 13.81 -13.89
CA PHE A 74 -16.88 14.14 -13.18
C PHE A 74 -16.55 14.74 -11.81
N TRP A 75 -16.12 15.97 -11.81
CA TRP A 75 -15.75 16.66 -10.63
C TRP A 75 -16.85 16.71 -9.51
N LYS A 76 -18.08 16.91 -9.92
CA LYS A 76 -19.21 16.98 -8.94
C LYS A 76 -19.24 15.64 -8.19
N GLY A 77 -19.08 14.58 -8.92
CA GLY A 77 -18.89 13.23 -8.40
C GLY A 77 -17.74 13.10 -7.42
N VAL A 78 -16.53 13.58 -7.83
CA VAL A 78 -15.38 13.45 -6.95
C VAL A 78 -15.68 14.11 -5.60
N LEU A 79 -16.13 15.38 -5.65
CA LEU A 79 -16.33 16.14 -4.50
C LEU A 79 -17.44 15.57 -3.58
N GLU A 80 -18.58 15.28 -4.12
CA GLU A 80 -19.72 14.73 -3.26
C GLU A 80 -19.35 13.36 -2.67
N GLU A 81 -18.67 12.51 -3.44
CA GLU A 81 -18.26 11.21 -2.91
C GLU A 81 -17.37 11.39 -1.69
N LEU A 82 -16.40 12.31 -1.79
CA LEU A 82 -15.43 12.49 -0.78
C LEU A 82 -16.09 13.06 0.48
N LEU A 83 -17.04 13.97 0.29
CA LEU A 83 -17.79 14.47 1.43
C LEU A 83 -18.63 13.40 2.14
N TRP A 84 -19.11 12.45 1.34
CA TRP A 84 -19.89 11.30 1.80
C TRP A 84 -19.01 10.34 2.58
N PHE A 85 -17.79 10.06 2.10
CA PHE A 85 -16.84 9.26 2.88
C PHE A 85 -16.60 9.92 4.22
N ILE A 86 -16.37 11.24 4.21
CA ILE A 86 -15.94 11.95 5.41
C ILE A 86 -17.07 11.88 6.45
N LYS A 87 -18.30 11.91 6.01
CA LYS A 87 -19.36 11.85 7.05
C LYS A 87 -19.59 10.46 7.56
N GLY A 88 -18.84 9.52 7.00
CA GLY A 88 -18.92 8.14 7.42
C GLY A 88 -20.06 7.32 6.93
N SER A 89 -20.81 7.84 5.96
CA SER A 89 -21.92 7.14 5.41
C SER A 89 -21.53 5.88 4.62
N THR A 90 -22.35 4.88 4.79
CA THR A 90 -22.32 3.69 3.93
C THR A 90 -23.64 3.44 3.19
N ASN A 91 -24.46 4.49 3.10
CA ASN A 91 -25.72 4.45 2.37
C ASN A 91 -25.58 5.05 1.00
N ALA A 92 -25.71 4.24 -0.04
CA ALA A 92 -25.61 4.74 -1.43
C ALA A 92 -26.63 5.89 -1.75
N LYS A 93 -27.76 5.86 -1.07
CA LYS A 93 -28.79 6.85 -1.28
C LYS A 93 -28.40 8.21 -0.76
N GLU A 94 -27.55 8.27 0.25
CA GLU A 94 -27.15 9.52 0.80
C GLU A 94 -26.23 10.22 -0.23
N LEU A 95 -25.43 9.45 -0.95
CA LEU A 95 -24.74 10.01 -2.11
C LEU A 95 -25.64 10.36 -3.31
N SER A 96 -26.49 9.43 -3.68
CA SER A 96 -27.35 9.56 -4.85
C SER A 96 -28.21 10.82 -4.74
N SER A 97 -28.53 11.19 -3.48
CA SER A 97 -29.42 12.32 -3.15
C SER A 97 -28.74 13.65 -3.51
N LYS A 98 -27.41 13.61 -3.71
CA LYS A 98 -26.65 14.75 -4.12
C LYS A 98 -26.46 14.79 -5.65
N GLY A 99 -27.09 13.89 -6.36
CA GLY A 99 -26.97 13.83 -7.81
C GLY A 99 -25.77 13.05 -8.29
N VAL A 100 -25.24 12.20 -7.40
CA VAL A 100 -24.05 11.40 -7.75
C VAL A 100 -24.44 9.97 -7.54
N ARG A 101 -24.55 9.22 -8.64
N ARG A 101 -24.62 9.24 -8.65
CA ARG A 101 -25.20 7.91 -8.62
CA ARG A 101 -25.23 7.90 -8.67
C ARG A 101 -24.21 6.74 -8.88
C ARG A 101 -24.23 6.73 -8.75
N ILE A 102 -22.95 7.05 -8.71
CA ILE A 102 -21.91 6.07 -8.99
C ILE A 102 -21.91 4.82 -8.12
N TRP A 103 -22.45 4.90 -6.89
CA TRP A 103 -22.50 3.75 -6.02
C TRP A 103 -23.88 3.06 -5.97
N ASP A 104 -24.82 3.57 -6.71
CA ASP A 104 -26.21 3.06 -6.64
C ASP A 104 -26.36 1.61 -7.04
N ALA A 105 -25.79 1.19 -8.17
CA ALA A 105 -25.82 -0.24 -8.58
C ALA A 105 -25.38 -1.23 -7.50
N ASN A 106 -24.32 -0.83 -6.79
CA ASN A 106 -23.72 -1.66 -5.73
C ASN A 106 -24.57 -1.81 -4.49
N GLY A 107 -25.54 -0.91 -4.30
CA GLY A 107 -26.46 -1.04 -3.20
C GLY A 107 -27.87 -1.44 -3.64
N SER A 108 -28.03 -1.82 -4.89
CA SER A 108 -29.38 -2.17 -5.41
C SER A 108 -29.90 -3.44 -4.72
N ARG A 109 -31.24 -3.62 -4.74
CA ARG A 109 -31.90 -4.82 -4.19
C ARG A 109 -31.32 -6.10 -4.79
N ASP A 110 -31.23 -6.17 -6.11
CA ASP A 110 -30.84 -7.39 -6.77
C ASP A 110 -29.36 -7.67 -6.48
N PHE A 111 -28.56 -6.61 -6.43
CA PHE A 111 -27.13 -6.79 -6.18
C PHE A 111 -26.87 -7.25 -4.73
N LEU A 112 -27.49 -6.61 -3.76
CA LEU A 112 -27.33 -7.02 -2.34
C LEU A 112 -27.82 -8.45 -2.13
N ASP A 113 -28.91 -8.79 -2.81
CA ASP A 113 -29.54 -10.08 -2.64
C ASP A 113 -28.60 -11.15 -3.19
N SER A 114 -27.94 -10.84 -4.30
CA SER A 114 -27.00 -11.77 -4.90
C SER A 114 -25.78 -12.10 -3.99
N LEU A 115 -25.46 -11.22 -3.04
CA LEU A 115 -24.34 -11.44 -2.13
C LEU A 115 -24.81 -12.07 -0.83
N GLY A 116 -26.10 -12.41 -0.77
CA GLY A 116 -26.72 -12.95 0.43
C GLY A 116 -27.09 -11.90 1.45
N PHE A 117 -27.26 -10.63 1.05
CA PHE A 117 -27.58 -9.58 2.03
C PHE A 117 -29.07 -9.21 1.94
N SER A 118 -29.92 -10.24 1.94
CA SER A 118 -31.35 -10.04 1.73
C SER A 118 -31.96 -9.21 2.85
N ALA A 119 -31.36 -9.21 4.05
CA ALA A 119 -31.87 -8.49 5.23
C ALA A 119 -31.57 -6.99 5.21
N ARG A 120 -30.64 -6.59 4.33
CA ARG A 120 -30.28 -5.20 4.24
C ARG A 120 -31.28 -4.35 3.51
N GLN A 121 -31.42 -3.11 3.93
CA GLN A 121 -32.21 -2.14 3.15
C GLN A 121 -31.41 -1.73 1.90
N GLU A 122 -32.11 -1.31 0.86
CA GLU A 122 -31.48 -1.03 -0.41
C GLU A 122 -30.62 0.21 -0.14
N GLY A 123 -29.39 0.21 -0.67
CA GLY A 123 -28.48 1.27 -0.37
C GLY A 123 -27.35 0.90 0.59
N ASP A 124 -27.55 -0.15 1.37
CA ASP A 124 -26.64 -0.48 2.41
C ASP A 124 -25.44 -1.28 1.77
N LEU A 125 -24.36 -0.58 1.60
CA LEU A 125 -23.14 -1.09 0.97
C LEU A 125 -22.25 -1.87 1.94
N GLY A 126 -22.62 -1.87 3.23
CA GLY A 126 -21.84 -2.48 4.26
C GLY A 126 -20.64 -1.65 4.64
N PRO A 127 -19.66 -2.28 5.30
CA PRO A 127 -18.63 -1.47 5.97
C PRO A 127 -17.49 -1.00 4.99
N VAL A 128 -17.90 -0.20 4.00
CA VAL A 128 -16.98 0.41 2.96
C VAL A 128 -16.29 1.66 3.49
N TYR A 129 -15.71 2.50 2.62
CA TYR A 129 -14.78 3.52 3.02
C TYR A 129 -15.18 4.38 4.20
N GLY A 130 -16.37 4.95 4.12
CA GLY A 130 -16.83 5.81 5.21
C GLY A 130 -16.69 5.17 6.58
N PHE A 131 -17.11 3.93 6.69
CA PHE A 131 -17.05 3.19 7.92
C PHE A 131 -15.62 2.87 8.37
N GLN A 132 -14.79 2.37 7.45
CA GLN A 132 -13.42 2.09 7.82
C GLN A 132 -12.67 3.33 8.19
N TRP A 133 -12.86 4.40 7.47
CA TRP A 133 -12.14 5.62 7.76
C TRP A 133 -12.46 6.23 9.13
N ARG A 134 -13.71 6.09 9.56
N ARG A 134 -13.72 6.16 9.54
CA ARG A 134 -14.21 6.71 10.79
CA ARG A 134 -14.19 6.78 10.79
C ARG A 134 -14.34 5.79 11.99
C ARG A 134 -14.36 5.81 11.98
N HIS A 135 -14.48 4.50 11.70
CA HIS A 135 -14.81 3.46 12.68
C HIS A 135 -14.08 2.13 12.49
N PHE A 136 -12.85 2.10 11.98
CA PHE A 136 -12.19 0.86 11.81
C PHE A 136 -12.18 -0.06 13.03
N GLY A 137 -12.62 -1.29 12.82
CA GLY A 137 -12.59 -2.35 13.81
C GLY A 137 -13.91 -2.45 14.59
N ALA A 138 -14.78 -1.44 14.49
CA ALA A 138 -16.13 -1.53 15.09
C ALA A 138 -16.92 -2.62 14.43
N GLU A 139 -17.94 -3.13 15.14
CA GLU A 139 -18.76 -4.16 14.62
C GLU A 139 -19.88 -3.56 13.78
N TYR A 140 -19.89 -3.86 12.49
CA TYR A 140 -20.90 -3.32 11.60
C TYR A 140 -22.20 -4.08 11.82
N LYS A 141 -23.28 -3.32 11.99
CA LYS A 141 -24.62 -3.86 12.04
C LYS A 141 -25.33 -3.47 10.74
N ASP A 142 -25.85 -2.26 10.63
CA ASP A 142 -26.33 -1.72 9.33
C ASP A 142 -25.96 -0.26 9.09
N MET A 143 -26.35 0.25 7.93
CA MET A 143 -25.96 1.57 7.54
C MET A 143 -26.59 2.65 8.43
N ASP A 144 -27.66 2.30 9.14
CA ASP A 144 -28.38 3.28 9.96
C ASP A 144 -28.02 3.20 11.43
N SER A 145 -27.13 2.26 11.81
CA SER A 145 -26.70 2.13 13.20
C SER A 145 -25.90 3.31 13.69
N ASP A 146 -25.89 3.50 15.01
CA ASP A 146 -25.08 4.53 15.62
C ASP A 146 -23.76 3.94 15.98
N TYR A 147 -22.71 4.43 15.33
CA TYR A 147 -21.35 4.01 15.64
C TYR A 147 -20.52 5.08 16.32
N SER A 148 -21.14 6.18 16.76
CA SER A 148 -20.48 7.21 17.60
C SER A 148 -19.58 6.61 18.66
N GLY A 149 -18.31 7.02 18.59
CA GLY A 149 -17.26 6.56 19.47
C GLY A 149 -16.69 5.17 19.30
N GLN A 150 -17.19 4.42 18.33
CA GLN A 150 -16.77 3.03 18.13
C GLN A 150 -15.72 2.94 17.00
N GLY A 151 -14.80 2.00 17.14
CA GLY A 151 -13.68 1.87 16.19
C GLY A 151 -12.70 2.99 16.25
N VAL A 152 -11.72 2.92 15.34
CA VAL A 152 -10.66 3.92 15.22
C VAL A 152 -11.02 4.97 14.16
N ASP A 153 -10.99 6.26 14.53
CA ASP A 153 -11.28 7.31 13.61
C ASP A 153 -9.94 7.62 12.95
N GLN A 154 -9.66 6.86 11.87
CA GLN A 154 -8.39 7.01 11.19
C GLN A 154 -8.20 8.43 10.59
N LEU A 155 -9.26 8.98 10.03
CA LEU A 155 -9.19 10.28 9.40
C LEU A 155 -8.83 11.32 10.40
N GLN A 156 -9.51 11.33 11.57
CA GLN A 156 -9.11 12.34 12.54
C GLN A 156 -7.75 12.12 13.11
N LYS A 157 -7.34 10.86 13.22
CA LYS A 157 -6.00 10.51 13.67
C LYS A 157 -4.94 11.10 12.76
N VAL A 158 -5.11 10.96 11.44
CA VAL A 158 -4.16 11.47 10.48
C VAL A 158 -4.04 12.96 10.64
N ILE A 159 -5.16 13.63 10.73
CA ILE A 159 -5.20 15.12 10.83
C ILE A 159 -4.45 15.53 12.11
N ASP A 160 -4.79 14.87 13.23
CA ASP A 160 -4.13 15.13 14.53
C ASP A 160 -2.62 14.94 14.50
N THR A 161 -2.16 13.85 13.83
CA THR A 161 -0.77 13.57 13.74
C THR A 161 -0.06 14.60 12.93
N ILE A 162 -0.64 14.98 11.79
CA ILE A 162 -0.04 15.94 10.86
C ILE A 162 0.28 17.26 11.61
N LYS A 163 -0.65 17.63 12.47
CA LYS A 163 -0.53 18.88 13.31
C LYS A 163 0.52 18.78 14.42
N THR A 164 0.59 17.64 15.08
CA THR A 164 1.43 17.47 16.26
C THR A 164 2.80 16.84 16.00
N ASN A 165 2.89 15.89 15.06
CA ASN A 165 4.13 15.23 14.75
C ASN A 165 4.26 15.03 13.25
N PRO A 166 4.41 16.12 12.48
CA PRO A 166 4.44 16.01 10.99
C PRO A 166 5.54 15.10 10.39
N ASP A 167 6.61 14.83 11.13
CA ASP A 167 7.67 13.98 10.68
C ASP A 167 7.27 12.50 10.82
N ASP A 168 6.10 12.17 11.40
CA ASP A 168 5.78 10.79 11.71
C ASP A 168 5.69 10.01 10.38
N ARG A 169 6.14 8.75 10.39
CA ARG A 169 6.27 7.92 9.16
C ARG A 169 5.19 6.81 9.18
N ARG A 170 4.17 7.00 9.99
CA ARG A 170 3.00 6.07 10.22
C ARG A 170 1.60 6.68 9.96
N ILE A 171 1.53 7.79 9.19
CA ILE A 171 0.38 8.58 8.94
C ILE A 171 -0.42 7.93 7.83
N ILE A 172 -1.17 6.91 8.24
CA ILE A 172 -1.85 6.04 7.30
C ILE A 172 -3.36 6.01 7.58
N MET A 173 -4.14 5.93 6.53
N MET A 173 -4.16 6.01 6.53
CA MET A 173 -5.55 5.63 6.63
CA MET A 173 -5.58 5.65 6.57
C MET A 173 -5.79 4.41 5.76
C MET A 173 -5.77 4.40 5.76
N CYS A 174 -6.29 3.35 6.38
CA CYS A 174 -6.38 2.05 5.71
C CYS A 174 -7.81 1.59 5.55
N ALA A 175 -8.30 1.46 4.32
CA ALA A 175 -9.69 1.00 4.09
C ALA A 175 -9.74 -0.53 3.99
N TRP A 176 -8.58 -1.15 3.75
CA TRP A 176 -8.49 -2.58 3.67
C TRP A 176 -8.61 -3.25 4.99
N ASN A 177 -9.75 -3.92 5.23
CA ASN A 177 -9.98 -4.56 6.48
C ASN A 177 -10.40 -6.01 6.23
N PRO A 178 -9.44 -6.95 6.29
CA PRO A 178 -9.70 -8.37 5.92
C PRO A 178 -10.92 -8.99 6.68
N LYS A 179 -11.12 -8.59 7.92
CA LYS A 179 -12.24 -9.09 8.75
C LYS A 179 -13.55 -8.68 8.14
N ASP A 180 -13.64 -7.41 7.69
CA ASP A 180 -14.84 -6.84 7.16
C ASP A 180 -15.11 -7.09 5.70
N LEU A 181 -14.12 -7.55 4.93
CA LEU A 181 -14.29 -7.72 3.50
C LEU A 181 -15.60 -8.43 3.03
N PRO A 182 -15.91 -9.63 3.58
CA PRO A 182 -17.15 -10.34 3.21
C PRO A 182 -18.48 -9.64 3.44
N LEU A 183 -18.49 -8.60 4.25
CA LEU A 183 -19.69 -7.77 4.48
C LEU A 183 -19.82 -6.54 3.50
N MET A 184 -18.77 -6.25 2.74
CA MET A 184 -18.79 -5.09 1.87
C MET A 184 -19.48 -5.46 0.55
N ALA A 185 -20.19 -4.51 -0.05
CA ALA A 185 -20.83 -4.77 -1.33
C ALA A 185 -19.75 -5.08 -2.37
N LEU A 186 -18.59 -4.44 -2.18
CA LEU A 186 -17.44 -4.79 -2.99
C LEU A 186 -16.16 -4.34 -2.27
N PRO A 187 -15.04 -4.98 -2.58
CA PRO A 187 -13.84 -4.65 -1.82
C PRO A 187 -13.21 -3.36 -2.37
N PRO A 188 -12.57 -2.61 -1.51
CA PRO A 188 -12.16 -1.29 -1.93
C PRO A 188 -10.99 -1.34 -2.93
N CYS A 189 -11.04 -0.54 -3.96
CA CYS A 189 -9.89 -0.41 -4.90
C CYS A 189 -8.74 0.35 -4.23
N HIS A 190 -9.07 1.29 -3.32
CA HIS A 190 -8.07 2.14 -2.71
C HIS A 190 -7.73 1.61 -1.30
N ALA A 191 -6.73 0.78 -1.24
CA ALA A 191 -6.46 -0.10 -0.13
C ALA A 191 -6.00 0.76 1.10
N LEU A 192 -5.12 1.74 0.87
CA LEU A 192 -4.64 2.57 1.97
C LEU A 192 -4.05 3.83 1.31
N CYS A 193 -3.96 4.86 2.09
CA CYS A 193 -3.13 6.03 1.73
C CYS A 193 -2.23 6.41 2.88
N GLN A 194 -1.15 7.10 2.56
CA GLN A 194 -0.18 7.51 3.51
C GLN A 194 0.08 9.02 3.23
N PHE A 195 0.26 9.78 4.30
CA PHE A 195 0.57 11.23 4.25
C PHE A 195 1.98 11.45 4.78
N TYR A 196 2.56 12.58 4.32
CA TYR A 196 3.95 12.90 4.50
C TYR A 196 4.08 14.43 4.55
N VAL A 197 4.94 14.90 5.46
CA VAL A 197 5.17 16.39 5.57
C VAL A 197 6.64 16.68 5.47
N VAL A 198 6.97 17.60 4.57
CA VAL A 198 8.31 18.19 4.49
C VAL A 198 8.18 19.63 3.93
N ASN A 199 9.04 20.47 4.44
CA ASN A 199 9.10 21.84 3.87
C ASN A 199 7.73 22.55 3.82
N GLY A 200 6.91 22.40 4.85
CA GLY A 200 5.59 22.99 4.94
C GLY A 200 4.54 22.45 3.99
N GLU A 201 4.81 21.27 3.38
CA GLU A 201 4.00 20.79 2.27
C GLU A 201 3.52 19.38 2.62
N LEU A 202 2.25 19.11 2.28
CA LEU A 202 1.65 17.80 2.65
C LEU A 202 1.54 17.03 1.38
N SER A 203 2.10 15.77 1.38
CA SER A 203 2.00 14.89 0.26
C SER A 203 1.14 13.67 0.71
N CYS A 204 0.65 13.00 -0.29
CA CYS A 204 -0.21 11.82 -0.10
C CYS A 204 0.19 10.78 -1.10
N GLN A 205 0.29 9.52 -0.64
CA GLN A 205 0.47 8.41 -1.54
C GLN A 205 -0.71 7.43 -1.41
N LEU A 206 -1.32 7.10 -2.52
CA LEU A 206 -2.44 6.12 -2.54
C LEU A 206 -1.88 4.82 -3.04
N TYR A 207 -2.23 3.71 -2.38
CA TYR A 207 -1.96 2.36 -2.91
C TYR A 207 -3.29 1.91 -3.49
N GLN A 208 -3.37 1.90 -4.79
CA GLN A 208 -4.62 1.49 -5.45
C GLN A 208 -4.40 0.10 -6.04
N ARG A 209 -5.11 -0.91 -5.56
CA ARG A 209 -4.84 -2.31 -5.87
C ARG A 209 -5.22 -2.66 -7.31
N SER A 210 -6.12 -1.87 -7.86
CA SER A 210 -6.78 -2.17 -9.17
C SER A 210 -7.28 -0.88 -9.77
N GLY A 211 -6.84 -0.54 -10.99
CA GLY A 211 -7.24 0.67 -11.60
C GLY A 211 -7.65 0.49 -13.06
N ASP A 212 -8.85 0.95 -13.36
CA ASP A 212 -9.39 1.03 -14.73
C ASP A 212 -8.88 2.32 -15.29
N MET A 213 -7.87 2.26 -16.16
CA MET A 213 -7.26 3.42 -16.55
C MET A 213 -8.16 4.34 -17.30
N GLY A 214 -9.06 3.75 -18.11
CA GLY A 214 -9.92 4.60 -18.94
C GLY A 214 -10.98 5.37 -18.12
N LEU A 215 -11.68 4.65 -17.28
CA LEU A 215 -12.88 5.16 -16.58
C LEU A 215 -12.63 5.58 -15.14
N GLY A 216 -11.91 4.81 -14.38
CA GLY A 216 -11.74 5.08 -12.94
C GLY A 216 -10.59 5.95 -12.52
N VAL A 217 -9.40 5.67 -13.05
CA VAL A 217 -8.19 6.31 -12.59
C VAL A 217 -8.21 7.86 -12.56
N PRO A 218 -8.72 8.54 -13.61
CA PRO A 218 -8.71 10.05 -13.56
C PRO A 218 -9.54 10.57 -12.38
N PHE A 219 -10.69 9.91 -12.20
CA PHE A 219 -11.54 10.24 -11.03
C PHE A 219 -10.78 10.00 -9.73
N ASN A 220 -10.09 8.86 -9.62
CA ASN A 220 -9.41 8.44 -8.36
C ASN A 220 -8.24 9.43 -8.06
N ILE A 221 -7.52 9.88 -9.06
CA ILE A 221 -6.48 10.86 -8.83
C ILE A 221 -7.06 12.16 -8.26
N ALA A 222 -8.16 12.64 -8.84
CA ALA A 222 -8.83 13.87 -8.42
C ALA A 222 -9.30 13.73 -6.99
N SER A 223 -9.80 12.52 -6.68
CA SER A 223 -10.27 12.28 -5.30
C SER A 223 -9.23 12.45 -4.22
N TYR A 224 -8.07 11.85 -4.41
CA TYR A 224 -7.03 11.81 -3.42
C TYR A 224 -6.26 13.15 -3.41
N ALA A 225 -6.18 13.76 -4.57
CA ALA A 225 -5.66 15.13 -4.66
C ALA A 225 -6.52 16.10 -3.83
N LEU A 226 -7.83 15.95 -3.95
CA LEU A 226 -8.80 16.81 -3.22
C LEU A 226 -8.71 16.55 -1.73
N LEU A 227 -8.60 15.27 -1.34
CA LEU A 227 -8.40 14.98 0.10
C LEU A 227 -7.16 15.65 0.61
N THR A 228 -6.07 15.66 -0.18
CA THR A 228 -4.88 16.20 0.30
C THR A 228 -5.03 17.77 0.45
N TYR A 229 -5.74 18.37 -0.50
CA TYR A 229 -6.04 19.85 -0.45
C TYR A 229 -6.84 20.11 0.82
N MET A 230 -7.83 19.23 1.09
CA MET A 230 -8.65 19.41 2.29
C MET A 230 -7.83 19.33 3.56
N ILE A 231 -7.01 18.29 3.71
CA ILE A 231 -6.23 18.11 4.91
C ILE A 231 -5.14 19.21 5.07
N ALA A 232 -4.51 19.61 3.98
CA ALA A 232 -3.47 20.60 4.00
C ALA A 232 -4.13 21.91 4.50
N HIS A 233 -5.32 22.21 4.03
CA HIS A 233 -6.06 23.43 4.47
C HIS A 233 -6.35 23.41 5.95
N ILE A 234 -6.83 22.30 6.50
CA ILE A 234 -7.15 22.30 7.91
C ILE A 234 -5.92 22.20 8.81
N THR A 235 -4.76 21.76 8.31
CA THR A 235 -3.55 21.61 9.14
C THR A 235 -2.58 22.74 8.91
N GLY A 236 -2.96 23.71 8.09
CA GLY A 236 -2.19 24.91 7.86
C GLY A 236 -0.97 24.69 6.99
N LEU A 237 -1.01 23.65 6.13
CA LEU A 237 0.08 23.34 5.25
C LEU A 237 -0.33 23.61 3.79
N GLN A 238 0.64 23.60 2.89
CA GLN A 238 0.42 23.71 1.50
C GLN A 238 0.45 22.26 0.87
N PRO A 239 -0.39 21.99 -0.13
CA PRO A 239 -0.35 20.74 -0.94
C PRO A 239 1.01 20.56 -1.65
N GLY A 240 1.56 19.35 -1.49
CA GLY A 240 2.82 18.93 -2.11
C GLY A 240 2.62 18.11 -3.34
N ASP A 241 2.80 16.77 -3.21
CA ASP A 241 2.63 15.86 -4.32
C ASP A 241 1.50 14.86 -3.98
N PHE A 242 0.80 14.44 -4.99
CA PHE A 242 0.00 13.22 -4.94
C PHE A 242 0.76 12.07 -5.69
N VAL A 243 1.13 11.02 -4.98
CA VAL A 243 1.84 9.86 -5.53
C VAL A 243 0.82 8.74 -5.69
N HIS A 244 0.62 8.37 -6.94
CA HIS A 244 -0.37 7.40 -7.33
C HIS A 244 0.30 6.09 -7.58
N THR A 245 0.02 5.10 -6.75
CA THR A 245 0.69 3.82 -6.95
C THR A 245 -0.39 2.83 -7.30
N LEU A 246 -0.16 2.07 -8.37
CA LEU A 246 -1.10 1.01 -8.83
C LEU A 246 -0.57 -0.40 -8.73
N GLY A 247 -1.49 -1.31 -8.39
CA GLY A 247 -1.28 -2.76 -8.44
C GLY A 247 -1.61 -3.20 -9.90
N ASP A 248 -2.76 -3.80 -10.13
CA ASP A 248 -3.20 -4.18 -11.54
C ASP A 248 -3.77 -2.98 -12.22
N ALA A 249 -2.94 -2.40 -13.07
CA ALA A 249 -3.34 -1.29 -13.86
C ALA A 249 -3.77 -1.86 -15.19
N HIS A 250 -4.95 -1.49 -15.57
CA HIS A 250 -5.52 -2.18 -16.78
C HIS A 250 -6.36 -1.30 -17.66
N ILE A 251 -6.51 -1.74 -18.92
CA ILE A 251 -7.35 -1.03 -19.84
C ILE A 251 -8.29 -2.12 -20.38
N TYR A 252 -9.60 -1.91 -20.26
CA TYR A 252 -10.56 -2.86 -20.79
C TYR A 252 -10.44 -2.87 -22.33
N LEU A 253 -10.55 -4.04 -22.90
CA LEU A 253 -10.35 -4.17 -24.36
C LEU A 253 -11.34 -3.30 -25.14
N ASN A 254 -12.54 -3.07 -24.62
CA ASN A 254 -13.42 -2.11 -25.30
C ASN A 254 -13.09 -0.62 -25.17
N HIS A 255 -12.09 -0.26 -24.35
CA HIS A 255 -11.63 1.13 -24.21
C HIS A 255 -10.43 1.46 -25.08
N ILE A 256 -9.85 0.49 -25.79
CA ILE A 256 -8.60 0.73 -26.54
C ILE A 256 -8.74 1.80 -27.63
N GLU A 257 -9.76 1.69 -28.45
CA GLU A 257 -9.94 2.65 -29.52
C GLU A 257 -10.23 4.09 -29.01
N PRO A 258 -11.15 4.22 -28.07
CA PRO A 258 -11.25 5.57 -27.53
C PRO A 258 -9.95 6.15 -26.90
N LEU A 259 -9.13 5.31 -26.23
CA LEU A 259 -7.90 5.81 -25.55
C LEU A 259 -6.86 6.19 -26.56
N LYS A 260 -6.83 5.49 -27.72
CA LYS A 260 -5.87 5.89 -28.77
C LYS A 260 -6.14 7.28 -29.35
N ILE A 261 -7.41 7.66 -29.40
CA ILE A 261 -7.86 9.00 -29.83
C ILE A 261 -7.50 10.02 -28.74
N GLN A 262 -7.81 9.64 -27.50
CA GLN A 262 -7.45 10.47 -26.37
C GLN A 262 -5.98 10.74 -26.29
N LEU A 263 -5.17 9.71 -26.53
CA LEU A 263 -3.73 9.80 -26.47
C LEU A 263 -3.12 10.78 -27.47
N GLN A 264 -3.90 11.18 -28.49
N GLN A 264 -3.90 11.19 -28.49
CA GLN A 264 -3.42 12.17 -29.47
CA GLN A 264 -3.42 12.18 -29.46
C GLN A 264 -3.73 13.62 -29.07
C GLN A 264 -3.52 13.62 -28.90
N ARG A 265 -4.43 13.83 -27.95
CA ARG A 265 -4.72 15.18 -27.47
C ARG A 265 -3.64 15.75 -26.56
N GLU A 266 -3.31 17.02 -26.79
CA GLU A 266 -2.34 17.70 -25.97
C GLU A 266 -3.09 18.16 -24.71
N PRO A 267 -2.54 17.88 -23.52
CA PRO A 267 -3.13 18.40 -22.31
C PRO A 267 -3.24 19.90 -22.33
N ARG A 268 -4.33 20.39 -21.77
CA ARG A 268 -4.47 21.77 -21.46
C ARG A 268 -3.93 21.97 -20.07
N PRO A 269 -3.47 23.19 -19.78
CA PRO A 269 -2.95 23.47 -18.43
C PRO A 269 -3.99 23.07 -17.41
N PHE A 270 -3.50 22.43 -16.34
CA PHE A 270 -4.44 21.99 -15.25
C PHE A 270 -5.16 23.19 -14.67
N PRO A 271 -6.38 22.97 -14.18
CA PRO A 271 -7.07 23.98 -13.44
C PRO A 271 -6.47 24.23 -12.05
N LYS A 272 -7.03 25.22 -11.36
CA LYS A 272 -6.71 25.55 -9.99
C LYS A 272 -7.92 25.14 -9.11
N LEU A 273 -7.65 24.76 -7.87
CA LEU A 273 -8.72 24.50 -6.91
C LEU A 273 -8.58 25.55 -5.84
N LYS A 274 -9.68 26.26 -5.61
CA LYS A 274 -9.78 27.28 -4.60
C LYS A 274 -10.69 26.85 -3.47
N ILE A 275 -10.27 27.07 -2.23
CA ILE A 275 -11.11 26.89 -1.07
C ILE A 275 -11.47 28.31 -0.60
N LEU A 276 -12.77 28.50 -0.49
CA LEU A 276 -13.42 29.83 -0.52
C LEU A 276 -13.60 30.42 0.84
N ARG A 277 -13.33 29.65 1.88
CA ARG A 277 -13.29 30.16 3.24
C ARG A 277 -12.38 29.37 4.15
N LYS A 278 -12.20 29.88 5.36
CA LYS A 278 -11.33 29.24 6.30
C LYS A 278 -12.14 28.18 7.02
N VAL A 279 -11.75 26.92 6.84
CA VAL A 279 -12.49 25.79 7.44
C VAL A 279 -11.61 25.19 8.51
N GLU A 280 -12.21 24.89 9.66
CA GLU A 280 -11.45 24.50 10.80
C GLU A 280 -11.32 22.99 10.98
N THR A 281 -12.36 22.27 10.63
CA THR A 281 -12.37 20.79 10.82
C THR A 281 -12.87 20.13 9.56
N ILE A 282 -12.47 18.86 9.38
CA ILE A 282 -12.68 18.17 8.10
C ILE A 282 -14.18 17.96 7.90
N ASP A 283 -14.88 17.84 9.01
CA ASP A 283 -16.31 17.61 9.00
C ASP A 283 -17.10 18.82 8.54
N ASP A 284 -16.48 19.99 8.56
CA ASP A 284 -17.20 21.25 8.32
C ASP A 284 -17.14 21.64 6.88
N PHE A 285 -16.29 20.97 6.07
CA PHE A 285 -16.32 21.25 4.64
C PHE A 285 -17.68 20.98 3.99
N LYS A 286 -18.04 21.87 3.05
CA LYS A 286 -19.22 21.82 2.26
C LYS A 286 -18.93 22.02 0.78
N VAL A 287 -19.81 21.50 -0.07
CA VAL A 287 -19.65 21.60 -1.52
C VAL A 287 -19.37 23.02 -1.99
N GLU A 288 -20.06 24.00 -1.37
CA GLU A 288 -19.90 25.40 -1.73
C GLU A 288 -18.58 25.99 -1.34
N ASP A 289 -17.76 25.28 -0.58
CA ASP A 289 -16.49 25.83 -0.13
C ASP A 289 -15.42 25.74 -1.26
N PHE A 290 -15.74 25.01 -2.32
CA PHE A 290 -14.74 24.70 -3.33
C PHE A 290 -15.09 25.27 -4.70
N GLN A 291 -14.07 25.74 -5.40
CA GLN A 291 -14.26 26.19 -6.75
C GLN A 291 -13.15 25.73 -7.67
N ILE A 292 -13.50 25.00 -8.73
CA ILE A 292 -12.52 24.66 -9.75
C ILE A 292 -12.43 25.81 -10.77
N GLU A 293 -11.23 26.23 -11.07
CA GLU A 293 -11.02 27.43 -11.84
C GLU A 293 -10.21 27.12 -13.07
N GLY A 294 -10.71 27.47 -14.27
CA GLY A 294 -9.94 27.27 -15.51
C GLY A 294 -9.81 25.85 -15.93
N TYR A 295 -10.90 25.11 -15.80
CA TYR A 295 -10.90 23.73 -16.26
C TYR A 295 -11.43 23.69 -17.69
N ASN A 296 -10.57 23.31 -18.62
CA ASN A 296 -10.89 23.29 -20.04
C ASN A 296 -10.58 21.97 -20.70
N PRO A 297 -11.34 20.92 -20.34
CA PRO A 297 -11.11 19.62 -20.94
C PRO A 297 -11.48 19.53 -22.39
N HIS A 298 -10.72 18.73 -23.13
CA HIS A 298 -11.11 18.37 -24.47
C HIS A 298 -12.48 17.73 -24.44
N PRO A 299 -13.22 17.88 -25.56
CA PRO A 299 -14.53 17.34 -25.65
C PRO A 299 -14.59 15.85 -25.87
N THR A 300 -15.76 15.34 -25.51
CA THR A 300 -16.20 13.95 -25.61
C THR A 300 -15.45 13.09 -26.65
N MET A 303 -16.75 5.83 -23.77
CA MET A 303 -16.21 4.72 -22.98
C MET A 303 -17.26 4.12 -22.04
N GLU A 304 -17.56 2.84 -22.25
CA GLU A 304 -18.59 2.13 -21.46
C GLU A 304 -18.01 1.26 -20.32
N MET A 305 -18.73 1.20 -19.20
CA MET A 305 -18.35 0.43 -18.00
C MET A 305 -19.12 -0.89 -17.94
N ARG B 21 20.83 -5.15 -18.04
CA ARG B 21 20.72 -4.03 -17.05
C ARG B 21 20.46 -4.65 -15.67
N HIS B 22 21.48 -4.62 -14.81
CA HIS B 22 21.43 -5.31 -13.52
C HIS B 22 20.36 -4.63 -12.62
N GLY B 23 19.51 -5.45 -12.01
CA GLY B 23 18.37 -5.01 -11.19
C GLY B 23 18.80 -4.21 -9.96
N GLU B 24 19.97 -4.55 -9.42
CA GLU B 24 20.50 -3.83 -8.28
C GLU B 24 20.74 -2.35 -8.63
N LEU B 25 20.98 -2.04 -9.91
CA LEU B 25 21.12 -0.62 -10.29
C LEU B 25 19.90 0.21 -9.87
N GLN B 26 18.70 -0.39 -9.78
CA GLN B 26 17.57 0.42 -9.36
C GLN B 26 17.73 0.86 -7.92
N TYR B 27 18.20 -0.04 -7.07
CA TYR B 27 18.40 0.29 -5.68
C TYR B 27 19.46 1.37 -5.52
N LEU B 28 20.55 1.18 -6.23
CA LEU B 28 21.62 2.17 -6.20
C LEU B 28 21.20 3.57 -6.72
N ARG B 29 20.39 3.61 -7.77
CA ARG B 29 19.84 4.84 -8.33
C ARG B 29 18.87 5.45 -7.34
N GLN B 30 18.12 4.64 -6.56
CA GLN B 30 17.29 5.22 -5.51
C GLN B 30 18.12 5.91 -4.43
N VAL B 31 19.18 5.26 -3.98
CA VAL B 31 20.02 5.79 -2.95
C VAL B 31 20.64 7.16 -3.50
N GLU B 32 21.16 7.10 -4.71
CA GLU B 32 21.75 8.30 -5.41
C GLU B 32 20.73 9.43 -5.50
N HIS B 33 19.46 9.09 -5.80
CA HIS B 33 18.38 10.07 -5.87
C HIS B 33 18.14 10.75 -4.55
N ILE B 34 18.14 9.97 -3.48
CA ILE B 34 17.86 10.54 -2.17
C ILE B 34 19.02 11.44 -1.75
N LEU B 35 20.21 10.97 -2.01
CA LEU B 35 21.42 11.73 -1.66
C LEU B 35 21.45 13.10 -2.36
N ARG B 36 21.07 13.13 -3.64
CA ARG B 36 21.04 14.34 -4.49
C ARG B 36 19.81 15.25 -4.31
N CYS B 37 18.64 14.63 -4.09
CA CYS B 37 17.32 15.30 -4.18
C CYS B 37 16.46 15.25 -2.96
N GLY B 38 16.80 14.36 -2.03
CA GLY B 38 16.10 14.27 -0.78
C GLY B 38 16.16 15.56 0.02
N PHE B 39 15.14 15.75 0.83
CA PHE B 39 15.15 16.80 1.85
C PHE B 39 15.59 16.25 3.16
N LYS B 40 16.22 17.15 3.90
CA LYS B 40 16.56 16.86 5.24
C LYS B 40 15.24 16.86 5.99
N LYS B 41 15.05 15.82 6.81
CA LYS B 41 13.79 15.64 7.53
C LYS B 41 14.19 14.99 8.83
N GLU B 42 13.86 15.66 9.92
CA GLU B 42 14.12 15.11 11.24
C GLU B 42 13.31 13.83 11.40
N ASP B 43 13.68 13.04 12.37
CA ASP B 43 12.87 11.85 12.61
C ASP B 43 12.71 11.52 14.06
N ARG B 44 11.80 10.57 14.31
CA ARG B 44 11.52 10.03 15.65
C ARG B 44 12.76 9.71 16.51
N THR B 45 13.84 9.26 15.86
CA THR B 45 15.09 8.83 16.53
C THR B 45 16.07 9.96 16.88
N GLY B 46 16.07 11.07 16.15
CA GLY B 46 16.92 12.23 16.48
C GLY B 46 18.22 12.34 15.68
N THR B 47 18.55 11.30 14.91
CA THR B 47 19.73 11.28 14.05
C THR B 47 19.54 12.10 12.77
N GLY B 48 18.29 12.35 12.38
CA GLY B 48 18.01 12.97 11.10
C GLY B 48 18.22 12.10 9.88
N THR B 49 17.57 12.51 8.80
CA THR B 49 17.61 11.83 7.50
C THR B 49 17.62 12.75 6.27
N LEU B 50 18.01 12.19 5.13
CA LEU B 50 17.62 12.73 3.84
C LEU B 50 16.47 11.81 3.39
N SER B 51 15.41 12.42 2.88
CA SER B 51 14.18 11.68 2.55
C SER B 51 13.49 12.11 1.29
N VAL B 52 12.87 11.14 0.61
CA VAL B 52 12.02 11.31 -0.57
C VAL B 52 10.76 10.51 -0.23
N PHE B 53 9.61 11.02 -0.63
CA PHE B 53 8.34 10.31 -0.42
C PHE B 53 7.90 9.79 -1.78
N GLY B 54 7.78 8.47 -1.88
CA GLY B 54 7.19 7.91 -3.10
C GLY B 54 8.28 7.42 -3.97
N MET B 55 8.59 6.09 -3.96
CA MET B 55 9.54 5.51 -4.92
C MET B 55 9.05 4.15 -5.32
N GLN B 56 9.51 3.61 -6.45
CA GLN B 56 9.11 2.29 -6.87
C GLN B 56 10.28 1.70 -7.70
N ALA B 57 10.60 0.42 -7.48
CA ALA B 57 11.58 -0.35 -8.23
C ALA B 57 10.94 -1.68 -8.58
N ARG B 58 11.38 -2.33 -9.67
CA ARG B 58 10.92 -3.64 -10.03
C ARG B 58 12.10 -4.58 -10.09
N TYR B 59 12.05 -5.66 -9.33
CA TYR B 59 13.14 -6.65 -9.37
C TYR B 59 12.65 -7.94 -9.97
N SER B 60 13.23 -8.31 -11.12
CA SER B 60 12.87 -9.58 -11.71
C SER B 60 13.34 -10.70 -10.80
N LEU B 61 12.50 -11.70 -10.69
CA LEU B 61 12.73 -12.91 -9.95
C LEU B 61 12.91 -14.07 -10.94
N ARG B 62 13.03 -13.78 -12.23
CA ARG B 62 12.99 -14.82 -13.26
C ARG B 62 14.39 -15.39 -13.47
N ASP B 63 14.66 -16.58 -12.94
CA ASP B 63 16.03 -17.12 -12.95
C ASP B 63 17.12 -16.32 -12.28
N GLU B 64 16.77 -15.49 -11.29
CA GLU B 64 17.74 -14.86 -10.46
C GLU B 64 16.96 -14.47 -9.19
N PHE B 65 17.72 -14.25 -8.14
CA PHE B 65 17.16 -13.85 -6.89
C PHE B 65 17.82 -12.55 -6.42
N PRO B 66 17.00 -11.50 -6.12
CA PRO B 66 17.59 -10.19 -5.84
C PRO B 66 18.15 -10.00 -4.45
N LEU B 67 19.24 -10.71 -4.11
CA LEU B 67 19.98 -10.54 -2.91
C LEU B 67 21.15 -9.59 -3.23
N LEU B 68 21.18 -8.42 -2.60
CA LEU B 68 22.11 -7.40 -3.10
C LEU B 68 23.56 -7.84 -2.98
N THR B 69 24.34 -7.47 -4.01
CA THR B 69 25.76 -7.84 -4.12
C THR B 69 26.77 -6.74 -3.73
N THR B 70 26.35 -5.47 -3.67
CA THR B 70 27.24 -4.39 -3.33
C THR B 70 27.52 -4.27 -1.86
N LYS B 71 26.72 -4.95 -1.03
CA LYS B 71 27.12 -5.27 0.32
C LYS B 71 26.49 -6.62 0.69
N ARG B 72 26.94 -7.21 1.77
CA ARG B 72 26.49 -8.55 2.13
C ARG B 72 25.24 -8.40 2.93
N VAL B 73 24.19 -9.09 2.47
CA VAL B 73 22.91 -9.12 3.18
C VAL B 73 22.84 -10.39 4.05
N PHE B 74 22.21 -10.25 5.22
CA PHE B 74 22.09 -11.32 6.25
C PHE B 74 20.96 -12.29 5.88
N TRP B 75 21.27 -13.14 4.93
CA TRP B 75 20.32 -14.08 4.35
C TRP B 75 19.73 -15.04 5.38
N LYS B 76 20.58 -15.50 6.32
CA LYS B 76 20.12 -16.41 7.37
C LYS B 76 18.96 -15.76 8.10
N GLY B 77 19.16 -14.48 8.44
CA GLY B 77 18.15 -13.65 9.10
C GLY B 77 16.86 -13.51 8.25
N VAL B 78 17.00 -13.25 6.96
CA VAL B 78 15.86 -13.16 6.04
C VAL B 78 15.03 -14.43 6.11
N LEU B 79 15.70 -15.59 5.90
CA LEU B 79 15.03 -16.90 5.88
C LEU B 79 14.36 -17.23 7.24
N GLU B 80 15.09 -17.12 8.36
CA GLU B 80 14.55 -17.45 9.68
C GLU B 80 13.42 -16.51 10.08
N GLU B 81 13.59 -15.21 9.74
CA GLU B 81 12.53 -14.29 10.05
C GLU B 81 11.24 -14.62 9.34
N LEU B 82 11.34 -14.96 8.08
CA LEU B 82 10.14 -15.24 7.30
C LEU B 82 9.47 -16.51 7.80
N LEU B 83 10.27 -17.53 8.11
CA LEU B 83 9.71 -18.76 8.70
C LEU B 83 8.99 -18.54 9.98
N TRP B 84 9.55 -17.65 10.77
CA TRP B 84 8.98 -17.22 11.98
C TRP B 84 7.65 -16.50 11.81
N PHE B 85 7.58 -15.52 10.89
CA PHE B 85 6.27 -14.94 10.52
C PHE B 85 5.24 -16.02 10.14
N ILE B 86 5.63 -16.91 9.27
CA ILE B 86 4.77 -17.93 8.66
C ILE B 86 4.11 -18.81 9.74
N LYS B 87 4.85 -19.11 10.79
CA LYS B 87 4.27 -19.99 11.82
C LYS B 87 3.51 -19.17 12.83
N GLY B 88 3.37 -17.87 12.58
CA GLY B 88 2.52 -17.04 13.39
C GLY B 88 3.06 -16.53 14.72
N SER B 89 4.34 -16.71 14.95
CA SER B 89 4.96 -16.34 16.24
C SER B 89 5.00 -14.83 16.36
N THR B 90 4.74 -14.35 17.57
CA THR B 90 4.96 -12.96 18.02
C THR B 90 5.99 -12.96 19.20
N ASN B 91 6.82 -13.99 19.26
CA ASN B 91 7.80 -14.18 20.38
C ASN B 91 9.18 -14.06 19.85
N ALA B 92 9.79 -12.93 20.12
CA ALA B 92 11.17 -12.64 19.72
C ALA B 92 12.14 -13.74 20.16
N LYS B 93 11.91 -14.28 21.34
CA LYS B 93 12.78 -15.35 21.87
C LYS B 93 12.81 -16.54 20.94
N GLU B 94 11.67 -16.83 20.25
CA GLU B 94 11.60 -17.96 19.35
C GLU B 94 12.45 -17.74 18.07
N LEU B 95 12.59 -16.49 17.65
CA LEU B 95 13.51 -16.20 16.54
C LEU B 95 14.96 -16.13 17.04
N SER B 96 15.17 -15.55 18.20
CA SER B 96 16.52 -15.44 18.75
C SER B 96 17.16 -16.84 18.88
N SER B 97 16.35 -17.83 19.22
CA SER B 97 16.81 -19.21 19.43
C SER B 97 17.40 -19.80 18.16
N LYS B 98 17.11 -19.16 17.01
CA LYS B 98 17.63 -19.60 15.74
C LYS B 98 18.94 -18.88 15.41
N GLY B 99 19.42 -18.03 16.32
CA GLY B 99 20.64 -17.27 16.10
C GLY B 99 20.39 -16.00 15.27
N VAL B 100 19.16 -15.51 15.37
CA VAL B 100 18.73 -14.31 14.61
C VAL B 100 18.11 -13.37 15.64
N ARG B 101 18.80 -12.28 15.96
CA ARG B 101 18.51 -11.46 17.11
C ARG B 101 17.83 -10.11 16.76
N ILE B 102 17.37 -10.00 15.52
CA ILE B 102 16.94 -8.69 14.96
C ILE B 102 15.72 -8.11 15.64
N TRP B 103 14.89 -8.97 16.22
CA TRP B 103 13.75 -8.47 16.98
C TRP B 103 13.94 -8.39 18.50
N ASP B 104 15.07 -8.86 19.00
CA ASP B 104 15.25 -8.98 20.48
C ASP B 104 15.09 -7.67 21.27
N ALA B 105 15.64 -6.57 20.75
CA ALA B 105 15.52 -5.28 21.43
C ALA B 105 14.06 -4.81 21.57
N ASN B 106 13.26 -5.03 20.52
CA ASN B 106 11.81 -4.79 20.55
C ASN B 106 10.97 -5.53 21.57
N GLY B 107 11.49 -6.67 22.04
CA GLY B 107 10.80 -7.52 23.00
C GLY B 107 11.45 -7.46 24.40
N SER B 108 12.48 -6.64 24.54
CA SER B 108 13.23 -6.57 25.83
C SER B 108 12.43 -5.91 26.92
N ARG B 109 12.78 -6.17 28.21
CA ARG B 109 12.04 -5.56 29.34
C ARG B 109 12.00 -4.07 29.25
N ASP B 110 13.16 -3.51 29.05
CA ASP B 110 13.27 -2.06 29.10
C ASP B 110 12.35 -1.49 28.00
N PHE B 111 12.42 -2.04 26.80
CA PHE B 111 11.59 -1.50 25.69
C PHE B 111 10.10 -1.71 25.94
N LEU B 112 9.67 -2.93 26.25
CA LEU B 112 8.27 -3.15 26.60
C LEU B 112 7.80 -2.19 27.70
N ASP B 113 8.65 -1.98 28.71
CA ASP B 113 8.34 -1.04 29.81
C ASP B 113 8.14 0.39 29.31
N SER B 114 9.01 0.84 28.41
CA SER B 114 8.99 2.20 27.89
C SER B 114 7.68 2.46 27.15
N LEU B 115 7.17 1.43 26.48
CA LEU B 115 5.88 1.49 25.82
C LEU B 115 4.71 1.30 26.76
N GLY B 116 4.97 1.03 28.04
CA GLY B 116 3.90 0.82 29.02
C GLY B 116 3.39 -0.61 29.16
N PHE B 117 4.10 -1.57 28.59
CA PHE B 117 3.65 -2.98 28.68
C PHE B 117 4.45 -3.73 29.76
N SER B 118 4.41 -3.23 31.00
CA SER B 118 5.22 -3.85 32.06
C SER B 118 4.64 -5.22 32.51
N ALA B 119 3.36 -5.44 32.30
CA ALA B 119 2.73 -6.72 32.60
C ALA B 119 3.10 -7.79 31.57
N ARG B 120 3.67 -7.35 30.44
CA ARG B 120 4.00 -8.28 29.38
C ARG B 120 5.30 -9.04 29.63
N GLN B 121 5.29 -10.30 29.23
CA GLN B 121 6.44 -11.15 29.31
C GLN B 121 7.55 -10.68 28.33
N GLU B 122 8.81 -10.78 28.74
CA GLU B 122 9.90 -10.50 27.81
C GLU B 122 9.80 -11.36 26.55
N GLY B 123 9.92 -10.68 25.38
CA GLY B 123 9.85 -11.34 24.07
C GLY B 123 8.51 -11.13 23.36
N ASP B 124 7.49 -10.67 24.10
CA ASP B 124 6.11 -10.64 23.60
C ASP B 124 5.91 -9.34 22.84
N LEU B 125 6.02 -9.46 21.51
CA LEU B 125 5.96 -8.33 20.60
C LEU B 125 4.57 -7.78 20.37
N GLY B 126 3.55 -8.46 20.88
CA GLY B 126 2.19 -8.07 20.67
C GLY B 126 1.80 -8.57 19.28
N PRO B 127 0.66 -8.08 18.77
CA PRO B 127 0.06 -8.58 17.51
C PRO B 127 0.74 -8.02 16.24
N VAL B 128 1.97 -8.44 16.01
CA VAL B 128 2.79 -8.05 14.84
C VAL B 128 2.57 -9.08 13.71
N TYR B 129 3.45 -9.06 12.73
CA TYR B 129 3.23 -9.70 11.45
C TYR B 129 2.65 -11.10 11.58
N GLY B 130 3.31 -11.94 12.34
CA GLY B 130 2.87 -13.34 12.40
C GLY B 130 1.37 -13.48 12.80
N PHE B 131 0.94 -12.67 13.74
CA PHE B 131 -0.40 -12.66 14.21
C PHE B 131 -1.34 -12.07 13.12
N GLN B 132 -0.91 -10.92 12.52
CA GLN B 132 -1.77 -10.35 11.51
C GLN B 132 -1.90 -11.23 10.28
N TRP B 133 -0.82 -11.85 9.82
CA TRP B 133 -0.85 -12.66 8.63
C TRP B 133 -1.75 -13.93 8.83
N ARG B 134 -1.77 -14.43 10.05
N ARG B 134 -1.71 -14.49 10.02
CA ARG B 134 -2.44 -15.73 10.32
CA ARG B 134 -2.45 -15.77 10.25
C ARG B 134 -3.77 -15.64 11.05
C ARG B 134 -3.78 -15.64 11.02
N HIS B 135 -4.03 -14.51 11.72
CA HIS B 135 -5.17 -14.37 12.68
C HIS B 135 -5.76 -12.94 12.65
N PHE B 136 -5.74 -12.29 11.49
CA PHE B 136 -6.19 -10.89 11.44
C PHE B 136 -7.59 -10.75 12.07
N GLY B 137 -7.66 -9.84 12.99
CA GLY B 137 -8.95 -9.49 13.58
C GLY B 137 -9.28 -10.27 14.85
N ALA B 138 -8.56 -11.33 15.14
CA ALA B 138 -8.66 -12.01 16.46
C ALA B 138 -8.23 -11.10 17.64
N GLU B 139 -8.80 -11.38 18.80
CA GLU B 139 -8.43 -10.69 20.06
C GLU B 139 -7.06 -11.16 20.57
N TYR B 140 -6.07 -10.27 20.59
CA TYR B 140 -4.73 -10.65 21.08
C TYR B 140 -4.79 -10.74 22.60
N LYS B 141 -4.13 -11.74 23.12
CA LYS B 141 -3.95 -11.84 24.56
C LYS B 141 -2.47 -11.77 24.88
N ASP B 142 -1.72 -12.86 24.71
CA ASP B 142 -0.28 -12.83 24.78
C ASP B 142 0.35 -13.81 23.81
N MET B 143 1.67 -13.84 23.74
CA MET B 143 2.37 -14.61 22.74
C MET B 143 2.27 -16.11 22.92
N ASP B 144 1.83 -16.56 24.11
CA ASP B 144 1.71 -17.99 24.36
C ASP B 144 0.31 -18.50 24.19
N SER B 145 -0.63 -17.60 23.89
CA SER B 145 -2.03 -17.95 23.76
C SER B 145 -2.26 -18.83 22.57
N ASP B 146 -3.33 -19.61 22.62
CA ASP B 146 -3.74 -20.46 21.50
C ASP B 146 -4.76 -19.70 20.61
N TYR B 147 -4.34 -19.31 19.40
CA TYR B 147 -5.22 -18.56 18.46
C TYR B 147 -5.80 -19.45 17.30
N SER B 148 -5.62 -20.76 17.37
CA SER B 148 -6.03 -21.66 16.30
C SER B 148 -7.50 -21.43 15.92
N GLY B 149 -7.79 -21.27 14.64
CA GLY B 149 -9.15 -21.00 14.19
C GLY B 149 -9.67 -19.58 14.41
N GLN B 150 -8.88 -18.68 15.00
CA GLN B 150 -9.32 -17.33 15.26
C GLN B 150 -8.78 -16.33 14.20
N GLY B 151 -9.63 -15.41 13.80
CA GLY B 151 -9.22 -14.40 12.82
C GLY B 151 -9.02 -14.91 11.42
N VAL B 152 -8.61 -14.01 10.55
CA VAL B 152 -8.49 -14.31 9.15
C VAL B 152 -7.11 -14.75 8.86
N ASP B 153 -6.99 -15.97 8.34
CA ASP B 153 -5.69 -16.49 7.90
C ASP B 153 -5.40 -15.95 6.52
N GLN B 154 -4.80 -14.72 6.48
CA GLN B 154 -4.59 -14.08 5.19
C GLN B 154 -3.59 -14.80 4.31
N LEU B 155 -2.55 -15.33 4.93
CA LEU B 155 -1.48 -16.05 4.19
C LEU B 155 -2.09 -17.24 3.40
N GLN B 156 -2.87 -18.05 4.09
CA GLN B 156 -3.54 -19.18 3.42
C GLN B 156 -4.59 -18.79 2.39
N LYS B 157 -5.28 -17.67 2.63
CA LYS B 157 -6.24 -17.13 1.74
C LYS B 157 -5.60 -16.71 0.45
N VAL B 158 -4.45 -16.05 0.55
CA VAL B 158 -3.78 -15.63 -0.65
C VAL B 158 -3.38 -16.87 -1.50
N ILE B 159 -2.88 -17.91 -0.86
CA ILE B 159 -2.45 -19.14 -1.55
C ILE B 159 -3.64 -19.79 -2.26
N ASP B 160 -4.72 -19.91 -1.51
CA ASP B 160 -5.97 -20.49 -2.02
C ASP B 160 -6.49 -19.73 -3.28
N THR B 161 -6.47 -18.38 -3.24
CA THR B 161 -6.97 -17.62 -4.30
C THR B 161 -6.09 -17.72 -5.51
N ILE B 162 -4.78 -17.72 -5.30
CA ILE B 162 -3.84 -17.85 -6.40
C ILE B 162 -4.14 -19.18 -7.21
N LYS B 163 -4.48 -20.19 -6.44
CA LYS B 163 -4.73 -21.54 -6.97
C LYS B 163 -6.08 -21.59 -7.69
N THR B 164 -7.12 -21.01 -7.10
CA THR B 164 -8.50 -21.13 -7.61
C THR B 164 -8.98 -19.98 -8.53
N ASN B 165 -8.35 -18.81 -8.40
CA ASN B 165 -8.70 -17.62 -9.15
C ASN B 165 -7.53 -16.66 -9.35
N PRO B 166 -6.51 -17.09 -10.12
CA PRO B 166 -5.28 -16.37 -10.32
C PRO B 166 -5.46 -14.97 -10.91
N ASP B 167 -6.57 -14.69 -11.60
CA ASP B 167 -6.79 -13.37 -12.12
C ASP B 167 -7.31 -12.37 -11.07
N ASP B 168 -7.64 -12.83 -9.87
CA ASP B 168 -8.24 -11.96 -8.82
C ASP B 168 -7.32 -10.73 -8.55
N ARG B 169 -7.95 -9.55 -8.49
CA ARG B 169 -7.20 -8.27 -8.32
C ARG B 169 -7.17 -7.81 -6.86
N ARG B 170 -7.61 -8.70 -5.96
CA ARG B 170 -7.72 -8.50 -4.53
C ARG B 170 -6.84 -9.39 -3.67
N ILE B 171 -5.73 -9.90 -4.20
CA ILE B 171 -4.93 -10.89 -3.55
C ILE B 171 -3.93 -10.17 -2.64
N ILE B 172 -4.39 -9.87 -1.44
CA ILE B 172 -3.68 -8.97 -0.54
C ILE B 172 -3.46 -9.55 0.84
N MET B 173 -2.30 -9.31 1.42
N MET B 173 -2.27 -9.33 1.41
CA MET B 173 -2.06 -9.64 2.80
CA MET B 173 -2.00 -9.61 2.82
C MET B 173 -1.70 -8.31 3.45
C MET B 173 -1.64 -8.33 3.51
N CYS B 174 -2.41 -7.97 4.53
CA CYS B 174 -2.29 -6.67 5.15
C CYS B 174 -1.91 -6.83 6.62
N ALA B 175 -0.73 -6.34 6.96
CA ALA B 175 -0.26 -6.28 8.34
C ALA B 175 -0.69 -5.04 9.07
N TRP B 176 -1.07 -3.99 8.34
CA TRP B 176 -1.49 -2.79 8.97
C TRP B 176 -2.88 -2.95 9.58
N ASN B 177 -2.97 -2.90 10.92
CA ASN B 177 -4.28 -3.12 11.57
C ASN B 177 -4.48 -2.01 12.57
N PRO B 178 -5.21 -0.99 12.18
CA PRO B 178 -5.28 0.19 13.04
C PRO B 178 -5.77 -0.10 14.48
N LYS B 179 -6.66 -1.07 14.64
CA LYS B 179 -7.16 -1.46 15.97
C LYS B 179 -6.01 -2.01 16.83
N ASP B 180 -5.14 -2.80 16.25
CA ASP B 180 -4.10 -3.46 17.03
C ASP B 180 -2.84 -2.62 17.20
N LEU B 181 -2.69 -1.55 16.41
CA LEU B 181 -1.46 -0.76 16.42
C LEU B 181 -0.92 -0.44 17.83
N PRO B 182 -1.80 0.02 18.73
CA PRO B 182 -1.33 0.40 20.02
C PRO B 182 -0.77 -0.77 20.86
N LEU B 183 -1.08 -2.01 20.53
CA LEU B 183 -0.54 -3.17 21.25
C LEU B 183 0.77 -3.71 20.69
N MET B 184 1.14 -3.23 19.51
CA MET B 184 2.36 -3.71 18.85
C MET B 184 3.57 -3.05 19.42
N ALA B 185 4.66 -3.81 19.50
CA ALA B 185 5.90 -3.25 20.00
C ALA B 185 6.40 -2.13 19.11
N LEU B 186 6.19 -2.34 17.80
CA LEU B 186 6.54 -1.38 16.74
C LEU B 186 5.47 -1.51 15.64
N PRO B 187 5.07 -0.40 15.04
CA PRO B 187 4.14 -0.53 13.89
C PRO B 187 4.87 -1.11 12.63
N PRO B 188 4.19 -1.95 11.81
CA PRO B 188 4.92 -2.64 10.71
C PRO B 188 5.41 -1.63 9.70
N CYS B 189 6.66 -1.76 9.22
CA CYS B 189 7.09 -0.97 8.12
C CYS B 189 6.46 -1.53 6.85
N HIS B 190 6.12 -2.82 6.82
CA HIS B 190 5.56 -3.40 5.58
C HIS B 190 4.06 -3.47 5.71
N ALA B 191 3.33 -2.46 5.21
CA ALA B 191 1.95 -2.30 5.56
C ALA B 191 1.06 -3.40 4.89
N LEU B 192 1.36 -3.70 3.65
CA LEU B 192 0.63 -4.65 2.87
C LEU B 192 1.40 -5.14 1.71
N CYS B 193 1.00 -6.31 1.16
CA CYS B 193 1.56 -6.77 -0.09
C CYS B 193 0.39 -7.32 -0.94
N GLN B 194 0.58 -7.27 -2.22
CA GLN B 194 -0.43 -7.72 -3.14
C GLN B 194 0.25 -8.70 -4.12
N PHE B 195 -0.46 -9.77 -4.48
CA PHE B 195 0.06 -10.70 -5.47
C PHE B 195 -0.75 -10.58 -6.73
N TYR B 196 -0.14 -11.05 -7.84
CA TYR B 196 -0.67 -10.85 -9.17
C TYR B 196 -0.19 -12.06 -10.03
N VAL B 197 -1.08 -12.63 -10.81
CA VAL B 197 -0.71 -13.71 -11.72
C VAL B 197 -0.99 -13.39 -13.17
N VAL B 198 0.03 -13.52 -13.99
CA VAL B 198 -0.25 -13.56 -15.41
C VAL B 198 0.80 -14.46 -16.08
N ASN B 199 0.38 -15.06 -17.18
CA ASN B 199 1.31 -15.85 -17.97
C ASN B 199 2.06 -16.90 -17.17
N GLY B 200 1.38 -17.56 -16.23
CA GLY B 200 2.04 -18.60 -15.41
C GLY B 200 3.03 -18.06 -14.39
N GLU B 201 3.08 -16.71 -14.23
CA GLU B 201 4.01 -16.11 -13.30
C GLU B 201 3.40 -15.32 -12.15
N LEU B 202 3.98 -15.49 -10.97
CA LEU B 202 3.50 -14.85 -9.72
C LEU B 202 4.39 -13.64 -9.37
N SER B 203 3.76 -12.47 -9.34
CA SER B 203 4.40 -11.27 -8.87
C SER B 203 3.82 -10.79 -7.51
N CYS B 204 4.57 -9.90 -6.85
CA CYS B 204 4.22 -9.41 -5.52
C CYS B 204 4.62 -7.99 -5.55
N GLN B 205 3.76 -7.15 -5.03
CA GLN B 205 4.13 -5.71 -4.77
C GLN B 205 4.02 -5.48 -3.25
N LEU B 206 5.07 -4.93 -2.65
CA LEU B 206 5.05 -4.50 -1.25
C LEU B 206 4.82 -3.00 -1.18
N TYR B 207 3.94 -2.61 -0.23
CA TYR B 207 3.77 -1.19 0.10
C TYR B 207 4.56 -1.06 1.44
N GLN B 208 5.75 -0.53 1.34
CA GLN B 208 6.59 -0.34 2.54
C GLN B 208 6.47 1.16 2.93
N ARG B 209 5.89 1.47 4.09
CA ARG B 209 5.57 2.86 4.41
C ARG B 209 6.83 3.66 4.79
N SER B 210 7.87 2.97 5.19
CA SER B 210 9.12 3.60 5.71
C SER B 210 10.27 2.70 5.48
N GLY B 211 11.29 3.19 4.76
CA GLY B 211 12.40 2.44 4.38
C GLY B 211 13.70 3.12 4.79
N ASP B 212 14.46 2.43 5.63
CA ASP B 212 15.86 2.77 5.97
C ASP B 212 16.67 2.17 4.83
N MET B 213 17.09 2.99 3.92
CA MET B 213 17.70 2.52 2.67
C MET B 213 19.03 1.84 2.89
N GLY B 214 19.77 2.28 3.89
CA GLY B 214 21.04 1.67 4.22
C GLY B 214 20.94 0.26 4.81
N LEU B 215 20.23 0.18 5.93
CA LEU B 215 20.16 -1.03 6.74
C LEU B 215 18.97 -1.94 6.38
N GLY B 216 17.81 -1.35 6.16
CA GLY B 216 16.54 -2.13 6.12
C GLY B 216 16.26 -2.68 4.72
N VAL B 217 16.32 -1.79 3.74
CA VAL B 217 15.74 -2.06 2.46
C VAL B 217 16.32 -3.28 1.75
N PRO B 218 17.66 -3.48 1.76
CA PRO B 218 18.18 -4.67 1.04
C PRO B 218 17.66 -6.02 1.63
N PHE B 219 17.54 -6.04 2.94
CA PHE B 219 16.99 -7.16 3.73
C PHE B 219 15.54 -7.32 3.37
N ASN B 220 14.82 -6.22 3.32
CA ASN B 220 13.35 -6.23 3.05
C ASN B 220 13.05 -6.71 1.62
N ILE B 221 13.82 -6.29 0.59
CA ILE B 221 13.65 -6.76 -0.72
C ILE B 221 13.82 -8.32 -0.73
N ALA B 222 14.87 -8.82 -0.06
CA ALA B 222 15.11 -10.29 -0.01
C ALA B 222 13.94 -11.00 0.66
N SER B 223 13.41 -10.44 1.74
N SER B 223 13.42 -10.42 1.74
CA SER B 223 12.28 -11.05 2.44
CA SER B 223 12.30 -11.03 2.45
C SER B 223 11.12 -11.32 1.49
C SER B 223 11.12 -11.30 1.51
N TYR B 224 10.66 -10.28 0.80
CA TYR B 224 9.49 -10.42 -0.02
C TYR B 224 9.73 -11.16 -1.32
N ALA B 225 10.95 -11.06 -1.86
CA ALA B 225 11.30 -11.90 -2.98
C ALA B 225 11.26 -13.34 -2.54
N LEU B 226 11.66 -13.62 -1.30
CA LEU B 226 11.68 -15.05 -0.80
C LEU B 226 10.24 -15.53 -0.60
N LEU B 227 9.40 -14.66 -0.06
CA LEU B 227 8.00 -14.96 0.13
C LEU B 227 7.35 -15.33 -1.22
N THR B 228 7.68 -14.58 -2.27
CA THR B 228 7.16 -14.81 -3.57
C THR B 228 7.63 -16.15 -4.15
N TYR B 229 8.92 -16.41 -4.00
CA TYR B 229 9.47 -17.79 -4.34
C TYR B 229 8.70 -18.88 -3.61
N MET B 230 8.46 -18.71 -2.34
CA MET B 230 7.74 -19.75 -1.54
C MET B 230 6.33 -20.01 -2.05
N ILE B 231 5.57 -18.93 -2.27
CA ILE B 231 4.20 -19.05 -2.75
C ILE B 231 4.11 -19.57 -4.20
N ALA B 232 4.99 -19.14 -5.10
CA ALA B 232 5.01 -19.59 -6.47
C ALA B 232 5.25 -21.13 -6.42
N HIS B 233 6.12 -21.55 -5.49
CA HIS B 233 6.47 -22.99 -5.36
C HIS B 233 5.25 -23.81 -4.97
N ILE B 234 4.56 -23.39 -3.93
CA ILE B 234 3.31 -23.98 -3.43
C ILE B 234 2.12 -24.01 -4.47
N THR B 235 2.04 -23.00 -5.34
CA THR B 235 0.89 -22.82 -6.24
C THR B 235 1.29 -23.25 -7.65
N GLY B 236 2.49 -23.78 -7.77
CA GLY B 236 2.99 -24.27 -9.03
C GLY B 236 3.17 -23.27 -10.14
N LEU B 237 3.61 -22.05 -9.76
CA LEU B 237 3.82 -20.99 -10.71
C LEU B 237 5.29 -20.63 -10.65
N GLN B 238 5.72 -19.81 -11.58
CA GLN B 238 7.07 -19.32 -11.63
C GLN B 238 7.11 -17.89 -11.07
N PRO B 239 8.16 -17.54 -10.29
CA PRO B 239 8.32 -16.15 -9.80
C PRO B 239 8.40 -15.20 -10.97
N GLY B 240 7.71 -14.05 -10.83
CA GLY B 240 7.69 -13.04 -11.82
C GLY B 240 8.51 -11.84 -11.47
N ASP B 241 7.83 -10.76 -11.01
CA ASP B 241 8.50 -9.60 -10.50
C ASP B 241 8.21 -9.41 -9.03
N PHE B 242 9.15 -8.74 -8.37
CA PHE B 242 8.93 -8.16 -7.08
C PHE B 242 8.93 -6.63 -7.28
N VAL B 243 7.81 -5.98 -7.06
CA VAL B 243 7.71 -4.51 -7.19
C VAL B 243 7.77 -3.93 -5.78
N HIS B 244 8.75 -3.10 -5.54
CA HIS B 244 8.99 -2.56 -4.23
C HIS B 244 8.53 -1.09 -4.25
N THR B 245 7.53 -0.79 -3.47
CA THR B 245 7.02 0.56 -3.39
C THR B 245 7.30 1.10 -2.01
N LEU B 246 7.82 2.35 -1.98
CA LEU B 246 8.18 2.95 -0.73
C LEU B 246 7.39 4.27 -0.46
N GLY B 247 7.01 4.49 0.81
CA GLY B 247 6.50 5.80 1.24
C GLY B 247 7.68 6.70 1.59
N ASP B 248 8.00 6.80 2.90
CA ASP B 248 9.20 7.63 3.29
C ASP B 248 10.44 6.85 3.14
N ALA B 249 11.11 7.08 2.01
CA ALA B 249 12.36 6.47 1.73
C ALA B 249 13.46 7.39 2.24
N HIS B 250 14.25 6.86 3.15
CA HIS B 250 15.23 7.76 3.89
C HIS B 250 16.62 7.17 4.06
N ILE B 251 17.62 8.05 4.19
CA ILE B 251 18.97 7.68 4.49
C ILE B 251 19.33 8.43 5.79
N TYR B 252 19.63 7.68 6.82
CA TYR B 252 20.07 8.29 8.11
C TYR B 252 21.41 9.02 7.81
N LEU B 253 21.61 10.17 8.44
CA LEU B 253 22.70 11.02 8.04
C LEU B 253 24.04 10.33 8.28
N ASN B 254 24.09 9.44 9.27
CA ASN B 254 25.34 8.69 9.54
C ASN B 254 25.60 7.49 8.65
N HIS B 255 24.68 7.21 7.68
CA HIS B 255 24.87 6.17 6.69
C HIS B 255 25.36 6.75 5.39
N ILE B 256 25.46 8.07 5.32
CA ILE B 256 25.82 8.71 4.06
C ILE B 256 27.22 8.28 3.59
N GLU B 257 28.20 8.33 4.46
CA GLU B 257 29.54 7.94 4.01
C GLU B 257 29.63 6.43 3.72
N PRO B 258 29.11 5.58 4.59
CA PRO B 258 29.09 4.16 4.19
C PRO B 258 28.38 3.90 2.82
N LEU B 259 27.27 4.59 2.54
CA LEU B 259 26.57 4.39 1.27
C LEU B 259 27.33 4.99 0.08
N LYS B 260 28.01 6.10 0.28
CA LYS B 260 28.88 6.59 -0.79
C LYS B 260 29.95 5.56 -1.16
N ILE B 261 30.51 4.85 -0.18
CA ILE B 261 31.44 3.76 -0.47
C ILE B 261 30.75 2.68 -1.30
N GLN B 262 29.55 2.27 -0.85
CA GLN B 262 28.79 1.25 -1.58
C GLN B 262 28.49 1.59 -3.01
N LEU B 263 28.14 2.86 -3.27
CA LEU B 263 27.76 3.28 -4.61
C LEU B 263 28.90 3.16 -5.65
N GLN B 264 30.14 3.02 -5.17
N GLN B 264 30.13 3.00 -5.18
CA GLN B 264 31.32 2.88 -6.03
CA GLN B 264 31.31 2.89 -6.05
C GLN B 264 31.48 1.45 -6.54
C GLN B 264 31.73 1.44 -6.28
N ARG B 265 30.93 0.48 -5.79
CA ARG B 265 31.09 -0.96 -6.11
C ARG B 265 30.19 -1.33 -7.26
N GLU B 266 30.68 -2.12 -8.23
CA GLU B 266 29.84 -2.47 -9.39
C GLU B 266 29.09 -3.74 -8.93
N PRO B 267 27.79 -3.82 -9.22
CA PRO B 267 27.10 -5.04 -8.84
C PRO B 267 27.67 -6.25 -9.54
N ARG B 268 27.67 -7.38 -8.86
CA ARG B 268 27.91 -8.68 -9.50
C ARG B 268 26.61 -9.40 -9.85
N PRO B 269 26.62 -10.33 -10.80
CA PRO B 269 25.30 -10.92 -11.06
C PRO B 269 24.63 -11.51 -9.79
N PHE B 270 23.32 -11.36 -9.73
CA PHE B 270 22.57 -11.87 -8.60
C PHE B 270 22.67 -13.39 -8.48
N PRO B 271 22.54 -13.91 -7.24
CA PRO B 271 22.56 -15.37 -7.04
C PRO B 271 21.27 -16.01 -7.50
N LYS B 272 21.20 -17.33 -7.44
CA LYS B 272 19.99 -18.04 -7.81
C LYS B 272 19.46 -18.61 -6.51
N LEU B 273 18.15 -18.78 -6.39
CA LEU B 273 17.63 -19.39 -5.15
C LEU B 273 17.09 -20.73 -5.57
N LYS B 274 17.51 -21.80 -4.88
CA LYS B 274 17.01 -23.15 -5.15
C LYS B 274 16.16 -23.71 -4.06
N ILE B 275 15.02 -24.28 -4.44
CA ILE B 275 14.21 -24.97 -3.46
C ILE B 275 14.40 -26.48 -3.74
N LEU B 276 14.74 -27.20 -2.68
CA LEU B 276 15.47 -28.51 -2.79
C LEU B 276 14.57 -29.72 -2.60
N ARG B 277 13.27 -29.49 -2.49
CA ARG B 277 12.30 -30.57 -2.66
C ARG B 277 10.93 -29.99 -2.94
N LYS B 278 9.97 -30.87 -3.20
CA LYS B 278 8.58 -30.46 -3.31
C LYS B 278 7.96 -30.30 -1.95
N VAL B 279 7.44 -29.10 -1.73
CA VAL B 279 6.80 -28.74 -0.50
C VAL B 279 5.39 -28.44 -0.92
N GLU B 280 4.45 -28.93 -0.14
CA GLU B 280 3.07 -28.75 -0.53
C GLU B 280 2.29 -27.71 0.18
N THR B 281 2.73 -27.35 1.40
CA THR B 281 2.04 -26.32 2.17
C THR B 281 3.10 -25.32 2.70
N ILE B 282 2.67 -24.08 2.89
CA ILE B 282 3.58 -23.00 3.23
C ILE B 282 4.11 -23.27 4.63
N ASP B 283 3.32 -23.93 5.48
CA ASP B 283 3.75 -24.27 6.84
C ASP B 283 4.87 -25.35 6.90
N ASP B 284 5.07 -26.06 5.80
CA ASP B 284 6.01 -27.22 5.80
C ASP B 284 7.42 -26.82 5.38
N PHE B 285 7.63 -25.57 4.94
CA PHE B 285 8.97 -25.16 4.55
C PHE B 285 9.86 -25.15 5.78
N LYS B 286 11.12 -25.56 5.59
CA LYS B 286 12.12 -25.49 6.61
C LYS B 286 13.37 -24.88 6.03
N VAL B 287 14.21 -24.39 6.93
CA VAL B 287 15.46 -23.71 6.53
C VAL B 287 16.28 -24.53 5.61
N GLU B 288 16.34 -25.85 5.90
CA GLU B 288 17.07 -26.82 5.05
C GLU B 288 16.59 -26.92 3.64
N ASP B 289 15.37 -26.47 3.31
CA ASP B 289 14.85 -26.61 1.95
C ASP B 289 15.39 -25.58 0.94
N PHE B 290 16.18 -24.62 1.41
CA PHE B 290 16.65 -23.55 0.56
C PHE B 290 18.15 -23.49 0.42
N GLN B 291 18.55 -23.18 -0.82
CA GLN B 291 19.94 -22.96 -1.14
C GLN B 291 20.13 -21.76 -2.07
N ILE B 292 20.87 -20.78 -1.58
CA ILE B 292 21.34 -19.64 -2.39
C ILE B 292 22.61 -20.09 -3.11
N GLU B 293 22.57 -20.08 -4.44
CA GLU B 293 23.70 -20.52 -5.28
C GLU B 293 24.38 -19.32 -5.90
N GLY B 294 25.70 -19.25 -5.80
CA GLY B 294 26.44 -18.21 -6.48
C GLY B 294 26.39 -16.80 -5.91
N TYR B 295 26.25 -16.68 -4.59
CA TYR B 295 26.21 -15.38 -3.96
C TYR B 295 27.63 -14.96 -3.68
N ASN B 296 28.06 -13.95 -4.43
CA ASN B 296 29.41 -13.40 -4.44
C ASN B 296 29.39 -11.88 -4.14
N PRO B 297 28.91 -11.47 -2.94
CA PRO B 297 28.79 -10.03 -2.63
C PRO B 297 30.12 -9.42 -2.30
N HIS B 298 30.20 -8.11 -2.46
CA HIS B 298 31.28 -7.32 -1.85
C HIS B 298 31.13 -7.42 -0.34
N PRO B 299 32.16 -7.07 0.41
CA PRO B 299 32.11 -7.24 1.87
C PRO B 299 30.98 -6.51 2.62
N THR B 300 30.59 -7.02 3.79
CA THR B 300 29.67 -6.27 4.65
C THR B 300 30.14 -4.80 4.77
N ILE B 301 29.21 -3.86 4.66
CA ILE B 301 29.46 -2.50 5.14
C ILE B 301 28.61 -2.33 6.41
N LYS B 302 29.26 -1.91 7.50
CA LYS B 302 28.59 -1.76 8.79
C LYS B 302 28.02 -0.34 8.85
N MET B 303 26.81 -0.24 9.39
CA MET B 303 26.11 1.03 9.48
C MET B 303 25.46 1.08 10.84
N GLU B 304 25.64 2.20 11.56
CA GLU B 304 25.07 2.30 12.91
C GLU B 304 23.55 2.38 12.83
N MET B 305 22.88 1.63 13.71
CA MET B 305 21.42 1.53 13.73
C MET B 305 20.80 2.73 14.46
N ALA B 306 19.73 3.29 13.87
CA ALA B 306 19.17 4.56 14.35
C ALA B 306 18.90 4.59 15.85
#